data_5TQZ
#
_entry.id   5TQZ
#
_cell.length_a   74.023
_cell.length_b   74.023
_cell.length_c   185.522
_cell.angle_alpha   90.00
_cell.angle_beta   90.00
_cell.angle_gamma   120.00
#
_symmetry.space_group_name_H-M   'P 31 2 1'
#
loop_
_entity.id
_entity.type
_entity.pdbx_description
1 polymer Frutapin
2 non-polymer alpha-D-glucopyranose
3 water water
#
_entity_poly.entity_id   1
_entity_poly.type   'polypeptide(L)'
_entity_poly.pdbx_seq_one_letter_code
;MASQTITVGPWGGPGGNEWDDGSYTGIRIIELSYKEAIGSFSVIYDLNGEPFSGSKHTSKLPYTNVKIELQFPEEFLVSV
SGYTAPFSSLATRTPVVRSLKFKTNKGRTFGPYGEEDGTYFNLPIENGLVVGFKGRTGDLLDAIGVHMAL
;
_entity_poly.pdbx_strand_id   A,B,C,D
#
# COMPACT_ATOMS: atom_id res chain seq x y z
N MET A 1 15.77 -1.66 4.27
CA MET A 1 15.66 -1.07 2.86
C MET A 1 14.40 -0.19 2.72
N ALA A 2 14.36 0.71 1.75
CA ALA A 2 13.43 1.89 1.75
C ALA A 2 12.07 1.56 1.19
N SER A 3 11.17 2.55 1.16
CA SER A 3 9.73 2.32 0.83
C SER A 3 9.65 1.98 -0.66
N GLN A 4 8.72 1.11 -1.02
N GLN A 4 8.65 1.18 -1.00
CA GLN A 4 8.62 0.60 -2.35
CA GLN A 4 8.51 0.53 -2.25
C GLN A 4 7.17 0.82 -2.84
C GLN A 4 7.12 0.83 -2.84
N THR A 5 6.99 0.72 -4.13
CA THR A 5 5.66 0.85 -4.75
C THR A 5 5.49 -0.28 -5.71
N ILE A 6 4.24 -0.54 -6.03
CA ILE A 6 3.90 -1.46 -7.12
C ILE A 6 4.52 -0.89 -8.36
N THR A 7 5.22 -1.69 -9.22
CA THR A 7 5.92 -1.25 -10.40
C THR A 7 5.60 -2.17 -11.52
N VAL A 8 5.16 -1.59 -12.61
CA VAL A 8 4.82 -2.42 -13.81
C VAL A 8 5.68 -2.09 -14.99
N GLY A 9 5.76 -3.01 -15.98
CA GLY A 9 6.67 -2.76 -16.99
C GLY A 9 7.98 -3.47 -16.64
N PRO A 10 9.11 -3.25 -17.36
CA PRO A 10 9.28 -2.25 -18.42
C PRO A 10 8.71 -2.66 -19.71
N TRP A 11 8.45 -1.66 -20.52
CA TRP A 11 8.21 -1.83 -21.91
C TRP A 11 9.35 -1.16 -22.72
N GLY A 12 9.94 -1.93 -23.61
CA GLY A 12 11.01 -1.47 -24.49
C GLY A 12 12.17 -2.42 -24.30
N GLY A 13 13.37 -1.97 -24.61
CA GLY A 13 14.45 -2.83 -24.81
C GLY A 13 15.60 -2.53 -23.92
N PRO A 14 16.65 -3.33 -23.96
CA PRO A 14 17.80 -3.28 -22.92
C PRO A 14 18.88 -2.28 -23.28
N GLY A 15 18.68 -1.46 -24.31
CA GLY A 15 19.76 -0.45 -24.67
C GLY A 15 19.79 0.82 -23.77
N GLY A 16 20.75 1.68 -24.08
CA GLY A 16 20.97 2.96 -23.40
C GLY A 16 21.38 2.66 -21.94
N ASN A 17 21.26 3.65 -21.09
CA ASN A 17 21.51 3.48 -19.61
C ASN A 17 20.22 3.63 -18.80
N GLU A 18 20.13 2.78 -17.78
CA GLU A 18 18.94 2.80 -16.79
C GLU A 18 18.89 4.08 -15.91
N TRP A 19 17.64 4.38 -15.54
CA TRP A 19 17.28 5.41 -14.60
C TRP A 19 15.97 5.10 -13.94
N ASP A 20 15.74 5.73 -12.71
CA ASP A 20 14.53 5.45 -11.97
C ASP A 20 14.33 6.73 -11.19
N ASP A 21 13.28 7.48 -11.49
CA ASP A 21 13.03 8.69 -10.78
C ASP A 21 12.50 8.41 -9.37
N GLY A 22 12.18 7.19 -9.16
CA GLY A 22 11.48 6.86 -7.89
C GLY A 22 10.03 7.31 -7.81
N SER A 23 9.49 7.36 -6.57
CA SER A 23 8.15 7.66 -6.29
C SER A 23 7.97 8.88 -5.48
N TYR A 24 6.75 9.48 -5.82
CA TYR A 24 6.30 10.77 -5.40
C TYR A 24 4.81 10.81 -5.01
N THR A 25 4.11 11.97 -4.93
N THR A 25 4.12 11.98 -4.90
CA THR A 25 2.68 11.95 -4.62
CA THR A 25 2.69 11.94 -4.59
C THR A 25 1.79 12.05 -5.81
C THR A 25 1.82 11.99 -5.81
N GLY A 26 2.33 12.51 -6.91
CA GLY A 26 1.52 12.59 -8.16
C GLY A 26 2.35 13.19 -9.28
N ILE A 27 1.66 13.48 -10.43
CA ILE A 27 2.27 13.98 -11.67
C ILE A 27 1.70 15.34 -11.98
N ARG A 28 2.59 16.37 -12.10
CA ARG A 28 2.14 17.65 -12.65
C ARG A 28 2.39 17.92 -14.14
N ILE A 29 3.66 17.70 -14.58
N ILE A 29 3.67 17.73 -14.58
CA ILE A 29 4.02 17.97 -15.97
CA ILE A 29 4.03 17.95 -16.00
C ILE A 29 4.86 16.84 -16.55
C ILE A 29 4.83 16.80 -16.54
N ILE A 30 4.58 16.39 -17.80
CA ILE A 30 5.42 15.50 -18.49
C ILE A 30 5.97 16.25 -19.70
N GLU A 31 7.33 16.21 -19.79
CA GLU A 31 8.13 16.90 -20.88
C GLU A 31 8.80 15.75 -21.75
N LEU A 32 8.49 15.70 -22.99
CA LEU A 32 9.09 14.70 -23.92
C LEU A 32 9.47 15.33 -25.23
N SER A 33 10.17 14.59 -26.04
CA SER A 33 10.52 15.01 -27.40
C SER A 33 10.28 13.76 -28.25
N TYR A 34 10.06 14.01 -29.51
CA TYR A 34 9.66 13.00 -30.45
C TYR A 34 9.83 13.34 -31.86
N LYS A 35 9.97 12.27 -32.66
CA LYS A 35 9.85 12.37 -34.11
C LYS A 35 9.45 10.96 -34.55
N GLU A 36 10.36 10.17 -35.04
CA GLU A 36 10.11 8.74 -35.35
C GLU A 36 9.94 7.92 -34.11
N ALA A 37 10.64 8.28 -33.01
CA ALA A 37 10.55 7.67 -31.73
C ALA A 37 10.46 8.72 -30.65
N ILE A 38 10.39 8.26 -29.38
CA ILE A 38 10.56 9.15 -28.20
C ILE A 38 12.06 9.43 -27.87
N GLY A 39 12.41 10.72 -27.79
CA GLY A 39 13.72 11.16 -27.42
C GLY A 39 13.85 11.43 -25.87
N SER A 40 13.75 12.71 -25.52
CA SER A 40 13.70 13.17 -24.17
C SER A 40 12.43 12.79 -23.44
N PHE A 41 12.58 12.55 -22.12
CA PHE A 41 11.47 12.26 -21.24
C PHE A 41 11.83 12.71 -19.83
N SER A 42 11.04 13.61 -19.31
CA SER A 42 11.26 14.21 -18.01
CA SER A 42 11.23 14.12 -17.98
C SER A 42 9.93 14.53 -17.36
N VAL A 43 9.93 14.50 -16.03
CA VAL A 43 8.73 14.70 -15.29
C VAL A 43 8.84 15.76 -14.16
N ILE A 44 7.85 16.65 -14.03
CA ILE A 44 7.66 17.42 -12.81
CA ILE A 44 7.63 17.48 -12.83
C ILE A 44 6.61 16.79 -11.95
N TYR A 45 7.05 16.21 -10.82
CA TYR A 45 6.23 15.53 -9.87
C TYR A 45 5.52 16.49 -8.97
N ASP A 46 4.46 15.99 -8.39
CA ASP A 46 4.04 16.64 -7.10
C ASP A 46 4.68 15.78 -5.95
N LEU A 47 5.19 16.47 -4.96
CA LEU A 47 5.73 15.91 -3.67
C LEU A 47 5.11 16.79 -2.58
N ASN A 48 4.05 16.28 -2.06
CA ASN A 48 3.34 16.82 -0.89
C ASN A 48 2.82 18.25 -1.08
N GLY A 49 2.46 18.49 -2.30
CA GLY A 49 1.80 19.80 -2.59
C GLY A 49 2.63 20.84 -3.29
N GLU A 50 3.94 20.54 -3.39
CA GLU A 50 4.85 21.34 -4.16
C GLU A 50 5.41 20.56 -5.29
N PRO A 51 5.81 21.28 -6.36
CA PRO A 51 6.49 20.63 -7.46
C PRO A 51 7.88 20.07 -7.08
N PHE A 52 8.28 18.99 -7.72
CA PHE A 52 9.63 18.40 -7.54
C PHE A 52 10.07 17.95 -9.01
N SER A 53 11.17 18.53 -9.45
CA SER A 53 11.65 18.25 -10.85
C SER A 53 12.41 16.95 -10.85
N GLY A 54 11.95 15.95 -11.60
CA GLY A 54 12.67 14.79 -11.68
C GLY A 54 13.97 15.02 -12.45
N SER A 55 14.87 14.07 -12.43
CA SER A 55 16.10 14.12 -13.27
C SER A 55 15.78 14.14 -14.71
N LYS A 56 16.59 14.88 -15.46
CA LYS A 56 16.29 14.97 -16.91
C LYS A 56 16.81 13.72 -17.55
N HIS A 57 16.13 13.27 -18.66
CA HIS A 57 16.59 12.10 -19.45
C HIS A 57 16.47 12.55 -20.89
N THR A 58 17.44 13.39 -21.19
CA THR A 58 17.41 14.22 -22.31
C THR A 58 17.94 13.54 -23.54
N SER A 59 17.33 13.80 -24.69
CA SER A 59 18.01 13.50 -26.00
C SER A 59 18.50 14.78 -26.67
N LYS A 60 19.76 14.73 -27.11
CA LYS A 60 20.33 15.76 -28.04
C LYS A 60 19.80 15.78 -29.52
N LEU A 61 19.11 14.73 -29.93
CA LEU A 61 18.47 14.75 -31.26
C LEU A 61 17.53 15.94 -31.42
N PRO A 62 17.46 16.53 -32.62
CA PRO A 62 16.57 17.66 -32.91
C PRO A 62 15.09 17.25 -33.17
N TYR A 63 14.46 16.83 -32.08
CA TYR A 63 13.03 16.31 -32.04
C TYR A 63 12.04 17.49 -31.65
N THR A 64 10.70 17.33 -31.77
CA THR A 64 9.75 18.34 -31.39
C THR A 64 9.50 18.10 -29.84
N ASN A 65 9.56 19.19 -29.06
CA ASN A 65 9.31 19.17 -27.66
C ASN A 65 7.79 19.44 -27.39
N VAL A 66 7.25 18.66 -26.45
CA VAL A 66 5.85 18.94 -26.05
C VAL A 66 5.86 18.93 -24.51
N LYS A 67 5.03 19.75 -23.91
CA LYS A 67 4.91 19.86 -22.49
C LYS A 67 3.43 19.59 -22.17
N ILE A 68 3.22 18.54 -21.39
CA ILE A 68 1.94 17.98 -20.99
C ILE A 68 1.74 18.52 -19.56
N GLU A 69 0.83 19.44 -19.38
CA GLU A 69 0.57 20.00 -18.04
C GLU A 69 -0.84 19.45 -17.61
N LEU A 70 -0.82 18.60 -16.60
CA LEU A 70 -2.14 18.15 -16.01
C LEU A 70 -2.65 19.08 -14.95
N GLN A 71 -4.00 19.25 -14.80
CA GLN A 71 -4.54 20.06 -13.68
C GLN A 71 -4.55 19.25 -12.39
N PHE A 72 -3.38 19.07 -11.89
CA PHE A 72 -3.20 18.24 -10.69
C PHE A 72 -3.76 19.03 -9.46
N PRO A 73 -4.42 18.31 -8.54
CA PRO A 73 -4.50 16.85 -8.47
C PRO A 73 -5.87 16.28 -8.93
N GLU A 74 -6.81 17.12 -9.30
N GLU A 74 -6.78 17.17 -9.32
CA GLU A 74 -8.11 16.66 -9.74
CA GLU A 74 -8.12 16.84 -9.78
C GLU A 74 -7.99 15.92 -11.05
C GLU A 74 -8.06 16.05 -11.09
N GLU A 75 -7.02 16.35 -11.88
CA GLU A 75 -6.73 15.60 -13.14
C GLU A 75 -5.61 14.64 -12.94
N PHE A 76 -5.73 13.42 -13.44
CA PHE A 76 -4.66 12.47 -13.29
C PHE A 76 -4.73 11.47 -14.40
N LEU A 77 -3.59 10.78 -14.58
CA LEU A 77 -3.54 9.73 -15.66
C LEU A 77 -4.30 8.50 -15.37
N VAL A 78 -5.09 8.06 -16.35
CA VAL A 78 -5.80 6.82 -16.25
C VAL A 78 -5.38 5.85 -17.33
N SER A 79 -4.56 6.22 -18.27
CA SER A 79 -3.90 5.39 -19.25
C SER A 79 -2.55 5.91 -19.67
N VAL A 80 -1.65 4.91 -19.78
CA VAL A 80 -0.35 5.03 -20.45
C VAL A 80 -0.32 3.96 -21.52
N SER A 81 0.02 4.32 -22.76
CA SER A 81 0.20 3.38 -23.82
C SER A 81 1.22 3.85 -24.90
N GLY A 82 1.59 2.92 -25.75
CA GLY A 82 2.69 3.19 -26.65
C GLY A 82 3.09 1.97 -27.43
N TYR A 83 4.01 2.23 -28.32
CA TYR A 83 4.51 1.17 -29.20
C TYR A 83 6.04 1.07 -28.98
N THR A 84 6.59 -0.13 -29.08
CA THR A 84 8.03 -0.37 -28.98
C THR A 84 8.55 -1.17 -30.21
N ALA A 85 9.74 -0.81 -30.73
CA ALA A 85 10.34 -1.50 -31.90
C ALA A 85 11.76 -0.92 -32.09
N PRO A 86 12.61 -1.57 -32.93
CA PRO A 86 13.88 -0.94 -33.27
C PRO A 86 13.64 0.30 -34.10
N PHE A 87 14.61 1.17 -34.09
CA PHE A 87 14.59 2.34 -35.00
C PHE A 87 15.94 2.40 -35.68
N SER A 88 15.84 2.02 -36.96
CA SER A 88 16.77 1.07 -37.55
C SER A 88 18.09 1.67 -37.93
N SER A 89 18.40 2.94 -37.53
CA SER A 89 19.81 3.46 -37.46
C SER A 89 20.54 3.43 -36.03
N LEU A 90 20.09 4.26 -35.11
CA LEU A 90 20.77 4.25 -33.78
C LEU A 90 20.35 3.10 -32.84
N ALA A 91 19.23 2.40 -33.14
CA ALA A 91 18.76 1.24 -32.32
C ALA A 91 18.34 0.22 -33.28
N THR A 92 19.38 -0.36 -33.83
CA THR A 92 19.22 -1.53 -34.87
C THR A 92 18.97 -2.87 -34.22
N ARG A 93 19.45 -3.01 -32.96
CA ARG A 93 19.46 -4.33 -32.32
C ARG A 93 18.43 -4.49 -31.31
N THR A 94 17.85 -3.40 -30.68
CA THR A 94 17.04 -3.53 -29.56
C THR A 94 15.86 -2.56 -29.73
N PRO A 95 14.66 -2.96 -29.29
CA PRO A 95 13.54 -2.07 -29.33
C PRO A 95 13.61 -0.84 -28.44
N VAL A 96 13.12 0.31 -28.92
CA VAL A 96 13.00 1.53 -28.14
C VAL A 96 11.58 1.87 -28.03
N VAL A 97 11.23 2.96 -27.32
CA VAL A 97 9.78 3.39 -27.24
C VAL A 97 9.64 4.27 -28.45
N ARG A 98 8.87 3.84 -29.43
CA ARG A 98 8.49 4.58 -30.61
C ARG A 98 7.37 5.67 -30.49
N SER A 99 6.45 5.39 -29.60
CA SER A 99 5.30 6.21 -29.37
C SER A 99 4.92 6.12 -27.92
N LEU A 100 4.36 7.19 -27.41
CA LEU A 100 3.62 7.25 -26.17
C LEU A 100 2.30 8.02 -26.35
N LYS A 101 1.40 7.71 -25.49
CA LYS A 101 0.06 8.28 -25.49
C LYS A 101 -0.51 8.21 -24.07
N PHE A 102 -1.03 9.35 -23.58
CA PHE A 102 -1.56 9.43 -22.25
C PHE A 102 -3.05 9.87 -22.29
N LYS A 103 -3.89 9.29 -21.42
CA LYS A 103 -5.29 9.78 -21.23
C LYS A 103 -5.49 10.17 -19.74
N THR A 104 -6.37 11.14 -19.46
CA THR A 104 -6.66 11.52 -18.12
C THR A 104 -8.14 11.31 -17.70
N ASN A 105 -8.41 11.39 -16.42
CA ASN A 105 -9.73 11.17 -15.94
C ASN A 105 -10.72 12.27 -16.40
N LYS A 106 -10.18 13.36 -16.91
CA LYS A 106 -11.03 14.44 -17.45
C LYS A 106 -11.31 14.27 -18.95
N GLY A 107 -10.91 13.18 -19.55
CA GLY A 107 -11.00 12.90 -20.94
C GLY A 107 -10.08 13.55 -21.96
N ARG A 108 -8.99 14.19 -21.49
CA ARG A 108 -7.96 14.70 -22.37
C ARG A 108 -7.14 13.49 -22.82
N THR A 109 -6.78 13.46 -24.11
CA THR A 109 -5.77 12.53 -24.63
C THR A 109 -4.54 13.41 -24.98
N PHE A 110 -3.32 12.94 -24.69
CA PHE A 110 -2.13 13.61 -25.08
C PHE A 110 -1.37 12.62 -25.89
N GLY A 111 -1.23 12.91 -27.20
CA GLY A 111 -0.51 12.07 -28.14
C GLY A 111 -1.50 11.42 -29.11
N PRO A 112 -1.12 10.43 -29.91
CA PRO A 112 0.16 9.75 -29.83
C PRO A 112 1.29 10.63 -30.26
N TYR A 113 2.37 10.56 -29.60
CA TYR A 113 3.60 11.27 -29.91
C TYR A 113 4.48 10.18 -30.48
N GLY A 114 5.17 10.48 -31.60
CA GLY A 114 6.10 9.53 -32.14
C GLY A 114 5.46 8.75 -33.23
N GLU A 115 6.00 7.60 -33.56
CA GLU A 115 5.35 6.73 -34.54
C GLU A 115 4.88 5.38 -33.94
N GLU A 116 3.70 5.04 -34.44
CA GLU A 116 3.00 3.94 -33.90
C GLU A 116 3.49 2.62 -34.57
N ASP A 117 4.77 2.30 -34.49
CA ASP A 117 5.30 1.12 -35.11
C ASP A 117 5.74 0.12 -34.12
N GLY A 118 5.42 -1.14 -34.41
CA GLY A 118 5.87 -2.31 -33.66
C GLY A 118 4.83 -2.84 -32.71
N THR A 119 5.26 -3.15 -31.47
CA THR A 119 4.50 -3.92 -30.44
C THR A 119 3.79 -2.94 -29.46
N TYR A 120 2.47 -3.06 -29.38
CA TYR A 120 1.61 -2.23 -28.54
C TYR A 120 1.86 -2.54 -27.11
N PHE A 121 1.72 -1.49 -26.30
CA PHE A 121 1.64 -1.70 -24.85
C PHE A 121 0.54 -0.78 -24.39
N ASN A 122 -0.16 -1.25 -23.39
CA ASN A 122 -1.35 -0.49 -22.93
C ASN A 122 -1.61 -0.77 -21.49
N LEU A 123 -1.53 0.30 -20.65
CA LEU A 123 -1.82 0.22 -19.22
C LEU A 123 -3.06 1.12 -18.83
N PRO A 124 -4.25 0.60 -18.98
CA PRO A 124 -5.42 1.31 -18.42
C PRO A 124 -5.35 1.17 -16.89
N ILE A 125 -5.73 2.24 -16.11
CA ILE A 125 -5.59 2.28 -14.64
C ILE A 125 -6.96 2.42 -14.20
N GLU A 126 -7.56 1.38 -13.60
CA GLU A 126 -8.93 1.43 -13.14
C GLU A 126 -8.98 2.11 -11.73
N ASN A 127 -8.05 1.68 -10.87
CA ASN A 127 -7.88 2.38 -9.58
C ASN A 127 -6.45 2.47 -9.20
N GLY A 128 -5.97 3.59 -8.68
CA GLY A 128 -4.56 3.88 -8.38
C GLY A 128 -4.06 5.08 -9.15
N LEU A 129 -2.79 5.43 -8.82
CA LEU A 129 -2.23 6.63 -9.37
C LEU A 129 -0.81 6.34 -9.78
N VAL A 130 -0.43 6.89 -10.91
CA VAL A 130 0.92 6.90 -11.34
C VAL A 130 1.70 7.86 -10.43
N VAL A 131 2.71 7.34 -9.75
CA VAL A 131 3.53 8.05 -8.88
C VAL A 131 4.97 8.31 -9.26
N GLY A 132 5.40 7.65 -10.31
CA GLY A 132 6.75 7.78 -10.70
C GLY A 132 7.02 6.99 -12.00
N PHE A 133 8.11 7.39 -12.64
CA PHE A 133 8.55 6.71 -13.88
C PHE A 133 9.98 6.20 -13.67
N LYS A 134 10.21 5.06 -14.33
CA LYS A 134 11.59 4.62 -14.58
C LYS A 134 11.76 4.28 -16.03
N GLY A 135 12.97 4.11 -16.44
CA GLY A 135 13.23 3.73 -17.87
C GLY A 135 14.63 3.49 -18.20
N ARG A 136 14.88 3.67 -19.48
CA ARG A 136 16.31 3.60 -19.95
C ARG A 136 16.40 4.53 -21.07
N THR A 137 17.51 5.26 -21.14
CA THR A 137 17.69 6.28 -22.14
C THR A 137 19.08 6.21 -22.71
N GLY A 138 19.19 6.28 -24.01
CA GLY A 138 20.47 6.55 -24.69
C GLY A 138 20.44 7.82 -25.52
N ASP A 139 20.46 7.73 -26.85
CA ASP A 139 19.96 8.87 -27.64
C ASP A 139 18.54 8.90 -27.66
N LEU A 140 17.91 7.83 -27.27
CA LEU A 140 16.44 7.65 -27.34
C LEU A 140 15.96 7.06 -26.01
N LEU A 141 14.67 7.14 -25.85
CA LEU A 141 13.92 6.43 -24.70
C LEU A 141 13.88 4.97 -25.04
N ASP A 142 14.86 4.17 -24.62
CA ASP A 142 14.87 2.79 -24.88
C ASP A 142 13.71 2.03 -24.22
N ALA A 143 13.44 2.41 -22.94
CA ALA A 143 12.47 1.63 -22.12
C ALA A 143 11.70 2.54 -21.18
N ILE A 144 10.48 2.16 -20.79
CA ILE A 144 9.77 2.91 -19.74
CA ILE A 144 9.70 2.93 -19.78
C ILE A 144 8.92 1.97 -18.87
N GLY A 145 8.80 2.36 -17.57
CA GLY A 145 7.93 1.63 -16.60
C GLY A 145 7.40 2.58 -15.60
N VAL A 146 6.35 2.14 -14.93
CA VAL A 146 5.61 3.04 -14.03
CA VAL A 146 5.46 2.97 -14.12
C VAL A 146 5.38 2.50 -12.64
N HIS A 147 5.65 3.37 -11.71
CA HIS A 147 5.39 3.11 -10.27
C HIS A 147 4.01 3.64 -9.95
N MET A 148 3.29 2.92 -9.09
N MET A 148 3.28 2.90 -9.11
CA MET A 148 1.82 3.15 -8.85
CA MET A 148 1.81 3.15 -8.85
C MET A 148 1.55 3.04 -7.29
C MET A 148 1.55 3.04 -7.30
N ALA A 149 0.63 3.84 -6.80
CA ALA A 149 0.28 3.83 -5.39
C ALA A 149 -1.13 4.23 -5.34
N LEU A 150 -1.72 3.94 -4.20
CA LEU A 150 -3.21 3.89 -3.88
C LEU A 150 -4.06 2.51 -3.72
N MET B 1 -15.17 4.04 2.17
CA MET B 1 -15.67 2.65 2.51
C MET B 1 -14.62 1.48 2.88
N ALA B 2 -14.59 0.41 2.10
CA ALA B 2 -13.86 -0.82 2.40
C ALA B 2 -12.44 -0.74 1.81
N SER B 3 -11.54 -1.65 2.29
CA SER B 3 -10.14 -1.63 1.75
C SER B 3 -10.23 -1.87 0.21
N GLN B 4 -9.20 -1.25 -0.44
CA GLN B 4 -8.99 -1.32 -1.91
C GLN B 4 -7.61 -1.65 -2.32
N THR B 5 -7.50 -2.01 -3.64
CA THR B 5 -6.21 -2.39 -4.22
C THR B 5 -6.16 -1.59 -5.53
N ILE B 6 -4.95 -1.37 -5.96
CA ILE B 6 -4.65 -1.00 -7.34
C ILE B 6 -5.18 -1.99 -8.29
N THR B 7 -5.89 -1.51 -9.30
CA THR B 7 -6.51 -2.36 -10.26
C THR B 7 -6.22 -1.79 -11.64
N VAL B 8 -5.86 -2.70 -12.53
CA VAL B 8 -5.50 -2.33 -13.94
CA VAL B 8 -5.50 -2.36 -13.93
C VAL B 8 -6.34 -3.19 -14.93
N GLY B 9 -6.47 -2.68 -16.13
CA GLY B 9 -7.39 -3.14 -17.02
C GLY B 9 -8.61 -2.29 -17.03
N PRO B 10 -9.77 -2.76 -17.61
CA PRO B 10 -9.90 -3.95 -18.35
C PRO B 10 -9.20 -3.99 -19.74
N TRP B 11 -8.74 -5.17 -20.07
CA TRP B 11 -8.46 -5.59 -21.49
C TRP B 11 -9.55 -6.48 -22.10
N GLY B 12 -10.11 -6.02 -23.22
CA GLY B 12 -11.22 -6.76 -23.77
C GLY B 12 -12.32 -5.82 -24.17
N GLY B 13 -13.47 -6.39 -24.50
CA GLY B 13 -14.62 -5.61 -24.89
C GLY B 13 -15.69 -5.49 -23.82
N PRO B 14 -16.81 -4.80 -24.17
CA PRO B 14 -17.92 -4.59 -23.27
C PRO B 14 -19.04 -5.56 -23.22
N GLY B 15 -19.00 -6.66 -24.03
CA GLY B 15 -20.09 -7.66 -23.94
C GLY B 15 -19.99 -8.52 -22.70
N GLY B 16 -20.94 -9.52 -22.59
CA GLY B 16 -20.91 -10.42 -21.40
C GLY B 16 -21.41 -9.68 -20.09
N ASN B 17 -21.33 -10.34 -18.98
CA ASN B 17 -21.77 -9.71 -17.69
C ASN B 17 -20.49 -9.59 -16.82
N GLU B 18 -20.42 -8.45 -16.13
CA GLU B 18 -19.22 -8.04 -15.37
C GLU B 18 -19.21 -8.92 -14.14
N TRP B 19 -18.03 -9.18 -13.65
CA TRP B 19 -17.80 -9.91 -12.38
C TRP B 19 -16.43 -9.45 -11.82
N ASP B 20 -16.28 -9.55 -10.53
CA ASP B 20 -15.16 -9.05 -9.81
C ASP B 20 -15.07 -10.04 -8.60
N ASP B 21 -14.03 -10.84 -8.66
CA ASP B 21 -13.75 -11.81 -7.57
C ASP B 21 -13.30 -11.04 -6.31
N GLY B 22 -12.82 -9.82 -6.45
CA GLY B 22 -12.27 -9.10 -5.29
C GLY B 22 -10.75 -9.38 -5.10
N SER B 23 -10.22 -9.02 -3.93
CA SER B 23 -8.81 -9.15 -3.60
CA SER B 23 -8.82 -9.15 -3.62
C SER B 23 -8.62 -10.09 -2.39
N TYR B 24 -7.47 -10.73 -2.41
CA TYR B 24 -7.11 -11.76 -1.48
C TYR B 24 -5.55 -11.56 -1.16
N THR B 25 -4.85 -12.66 -0.79
N THR B 25 -4.81 -12.64 -0.80
CA THR B 25 -3.45 -12.67 -0.49
CA THR B 25 -3.38 -12.54 -0.56
C THR B 25 -2.52 -13.17 -1.55
C THR B 25 -2.47 -13.05 -1.65
N GLY B 26 -3.00 -13.87 -2.54
CA GLY B 26 -2.24 -14.47 -3.61
C GLY B 26 -3.05 -15.38 -4.50
N ILE B 27 -2.36 -16.16 -5.34
CA ILE B 27 -2.98 -17.02 -6.36
C ILE B 27 -2.51 -18.45 -6.13
N ARG B 28 -3.37 -19.39 -6.04
CA ARG B 28 -3.03 -20.91 -5.99
C ARG B 28 -3.27 -21.53 -7.39
N ILE B 29 -4.50 -21.34 -7.94
CA ILE B 29 -4.71 -22.08 -9.21
C ILE B 29 -5.49 -21.17 -10.04
N ILE B 30 -5.22 -21.23 -11.36
CA ILE B 30 -6.15 -20.65 -12.39
C ILE B 30 -6.74 -21.79 -13.22
N GLU B 31 -8.06 -21.86 -13.42
CA GLU B 31 -8.80 -22.75 -14.28
C GLU B 31 -9.35 -21.97 -15.46
N LEU B 32 -9.04 -22.34 -16.66
CA LEU B 32 -9.68 -21.76 -17.78
C LEU B 32 -10.08 -22.79 -18.82
N SER B 33 -10.87 -22.41 -19.86
CA SER B 33 -11.11 -23.29 -20.97
C SER B 33 -10.71 -22.46 -22.20
N TYR B 34 -10.24 -23.12 -23.25
CA TYR B 34 -9.90 -22.45 -24.50
C TYR B 34 -10.17 -23.27 -25.72
N LYS B 35 -10.37 -22.52 -26.84
CA LYS B 35 -10.24 -23.12 -28.20
C LYS B 35 -9.75 -22.09 -29.19
N GLU B 36 -10.63 -21.34 -29.86
CA GLU B 36 -10.13 -20.23 -30.58
C GLU B 36 -10.15 -18.90 -29.74
N ALA B 37 -10.80 -18.90 -28.57
CA ALA B 37 -10.88 -17.79 -27.61
C ALA B 37 -10.86 -18.41 -26.24
N ILE B 38 -10.85 -17.60 -25.24
CA ILE B 38 -10.97 -18.12 -23.86
C ILE B 38 -12.45 -18.24 -23.53
N GLY B 39 -12.81 -19.36 -22.89
CA GLY B 39 -14.23 -19.67 -22.44
C GLY B 39 -14.37 -19.39 -20.99
N SER B 40 -14.31 -20.48 -20.19
CA SER B 40 -14.24 -20.45 -18.71
C SER B 40 -13.00 -19.73 -18.14
N PHE B 41 -13.18 -19.05 -17.01
CA PHE B 41 -12.07 -18.46 -16.21
C PHE B 41 -12.49 -18.51 -14.74
N SER B 42 -11.68 -19.14 -13.83
CA SER B 42 -11.99 -19.18 -12.41
C SER B 42 -10.69 -19.36 -11.68
N VAL B 43 -10.62 -18.96 -10.39
CA VAL B 43 -9.37 -18.95 -9.66
C VAL B 43 -9.65 -19.43 -8.27
N ILE B 44 -8.70 -20.15 -7.79
CA ILE B 44 -8.48 -20.54 -6.33
C ILE B 44 -7.35 -19.63 -5.78
N TYR B 45 -7.80 -18.68 -5.00
CA TYR B 45 -6.99 -17.76 -4.36
C TYR B 45 -6.35 -18.33 -3.12
N ASP B 46 -5.25 -17.68 -2.76
CA ASP B 46 -4.75 -17.77 -1.38
C ASP B 46 -5.50 -16.70 -0.56
N LEU B 47 -6.00 -17.07 0.58
CA LEU B 47 -6.46 -16.11 1.56
C LEU B 47 -5.84 -16.54 2.93
N ASN B 48 -4.79 -15.80 3.28
CA ASN B 48 -4.01 -15.98 4.57
C ASN B 48 -3.70 -17.40 4.90
N GLY B 49 -3.22 -18.07 3.81
CA GLY B 49 -2.67 -19.40 3.86
C GLY B 49 -3.58 -20.56 3.65
N GLU B 50 -4.84 -20.31 3.43
CA GLU B 50 -5.76 -21.32 2.92
C GLU B 50 -6.38 -20.98 1.64
N PRO B 51 -6.80 -21.98 0.88
CA PRO B 51 -7.49 -21.70 -0.37
C PRO B 51 -8.89 -21.06 -0.18
N PHE B 52 -9.23 -20.28 -1.13
CA PHE B 52 -10.55 -19.59 -1.24
C PHE B 52 -10.86 -19.56 -2.70
N SER B 53 -11.96 -20.33 -2.93
CA SER B 53 -12.47 -20.40 -4.28
C SER B 53 -13.25 -19.20 -4.76
N GLY B 54 -12.77 -18.52 -5.82
CA GLY B 54 -13.59 -17.54 -6.55
C GLY B 54 -14.82 -18.15 -7.17
N SER B 55 -15.89 -17.36 -7.42
CA SER B 55 -17.05 -17.78 -8.21
C SER B 55 -16.58 -18.32 -9.50
N LYS B 56 -17.24 -19.32 -9.94
CA LYS B 56 -16.89 -19.85 -11.28
C LYS B 56 -17.44 -18.94 -12.39
N HIS B 57 -16.64 -18.66 -13.45
CA HIS B 57 -17.06 -17.84 -14.58
C HIS B 57 -16.90 -18.82 -15.76
N THR B 58 -17.86 -19.74 -15.74
CA THR B 58 -17.70 -20.87 -16.67
CA THR B 58 -17.79 -20.89 -16.63
C THR B 58 -18.43 -20.59 -17.99
N SER B 59 -17.88 -21.16 -19.05
CA SER B 59 -18.54 -21.26 -20.36
C SER B 59 -19.01 -22.71 -20.64
N LYS B 60 -20.16 -22.81 -21.26
CA LYS B 60 -20.68 -24.13 -21.72
C LYS B 60 -20.13 -24.58 -23.05
N LEU B 61 -19.37 -23.74 -23.73
CA LEU B 61 -18.82 -24.19 -25.01
C LEU B 61 -17.79 -25.33 -24.84
N PRO B 62 -17.69 -26.23 -25.86
CA PRO B 62 -16.91 -27.45 -25.87
C PRO B 62 -15.40 -27.22 -25.99
N TYR B 63 -14.78 -26.68 -24.95
CA TYR B 63 -13.52 -26.09 -25.03
C TYR B 63 -12.59 -27.06 -24.27
N THR B 64 -11.28 -26.91 -24.39
CA THR B 64 -10.29 -27.64 -23.61
C THR B 64 -10.00 -26.97 -22.23
N ASN B 65 -10.18 -27.75 -21.18
CA ASN B 65 -9.90 -27.30 -19.78
C ASN B 65 -8.42 -27.37 -19.34
N VAL B 66 -7.96 -26.29 -18.74
CA VAL B 66 -6.64 -26.16 -18.28
C VAL B 66 -6.68 -25.83 -16.82
N LYS B 67 -5.82 -26.42 -16.01
CA LYS B 67 -5.61 -25.99 -14.63
C LYS B 67 -4.12 -25.62 -14.59
N ILE B 68 -3.88 -24.35 -14.17
CA ILE B 68 -2.65 -23.82 -13.81
C ILE B 68 -2.52 -23.87 -12.32
N GLU B 69 -1.64 -24.71 -11.86
CA GLU B 69 -1.33 -24.82 -10.41
C GLU B 69 0.08 -24.25 -10.12
N LEU B 70 0.12 -23.16 -9.40
CA LEU B 70 1.34 -22.49 -8.94
C LEU B 70 1.92 -23.17 -7.73
N GLN B 71 3.24 -23.21 -7.64
CA GLN B 71 3.85 -23.62 -6.35
C GLN B 71 3.80 -22.50 -5.33
N PHE B 72 2.66 -22.22 -4.73
CA PHE B 72 2.51 -21.15 -3.86
C PHE B 72 3.04 -21.69 -2.58
N PRO B 73 3.70 -20.85 -1.79
CA PRO B 73 3.82 -19.35 -1.99
C PRO B 73 5.06 -18.92 -2.70
N GLU B 74 6.01 -19.82 -2.91
CA GLU B 74 7.28 -19.40 -3.47
C GLU B 74 7.20 -18.98 -4.95
N GLU B 75 6.19 -19.52 -5.62
CA GLU B 75 5.95 -19.21 -7.12
C GLU B 75 4.77 -18.29 -7.21
N PHE B 76 4.97 -17.17 -7.86
CA PHE B 76 3.89 -16.24 -8.18
C PHE B 76 3.95 -15.71 -9.62
N LEU B 77 2.85 -15.18 -10.08
CA LEU B 77 2.83 -14.58 -11.42
C LEU B 77 3.63 -13.28 -11.44
N VAL B 78 4.33 -13.14 -12.60
CA VAL B 78 5.05 -11.89 -12.91
C VAL B 78 4.69 -11.24 -14.25
N SER B 79 3.80 -11.90 -14.99
CA SER B 79 3.35 -11.30 -16.26
C SER B 79 1.99 -11.87 -16.54
N VAL B 80 1.07 -10.98 -16.94
CA VAL B 80 -0.25 -11.52 -17.52
C VAL B 80 -0.36 -10.81 -18.93
N SER B 81 -0.58 -11.58 -20.01
CA SER B 81 -0.61 -11.06 -21.31
C SER B 81 -1.59 -11.85 -22.17
N GLY B 82 -1.88 -11.30 -23.35
CA GLY B 82 -2.96 -11.96 -24.16
C GLY B 82 -3.30 -11.09 -25.30
N TYR B 83 -4.40 -11.54 -26.00
CA TYR B 83 -4.85 -10.84 -27.19
C TYR B 83 -6.37 -10.72 -27.16
N THR B 84 -6.91 -9.60 -27.71
CA THR B 84 -8.26 -9.41 -27.82
C THR B 84 -8.64 -9.00 -29.19
N ALA B 85 -9.87 -9.42 -29.58
CA ALA B 85 -10.41 -9.29 -30.89
C ALA B 85 -11.81 -9.92 -30.93
N PRO B 86 -12.66 -9.52 -31.86
CA PRO B 86 -13.92 -10.21 -32.07
C PRO B 86 -13.72 -11.56 -32.51
N PHE B 87 -14.71 -12.42 -32.37
CA PHE B 87 -14.61 -13.81 -32.81
C PHE B 87 -15.76 -14.23 -33.74
N SER B 88 -15.36 -14.62 -34.95
CA SER B 88 -16.22 -15.00 -36.07
C SER B 88 -17.55 -15.67 -35.90
N SER B 89 -17.58 -16.82 -35.26
CA SER B 89 -18.89 -17.23 -34.79
C SER B 89 -19.38 -16.45 -33.51
N LEU B 90 -19.40 -15.10 -33.49
CA LEU B 90 -19.85 -14.28 -32.27
C LEU B 90 -21.15 -13.79 -32.81
N ALA B 91 -22.25 -14.13 -32.12
CA ALA B 91 -23.60 -13.56 -32.35
C ALA B 91 -23.64 -12.06 -32.11
N THR B 92 -22.66 -11.47 -31.40
CA THR B 92 -22.70 -9.99 -31.33
C THR B 92 -21.66 -9.26 -32.18
N ARG B 93 -20.35 -9.08 -31.85
CA ARG B 93 -19.43 -8.24 -32.76
C ARG B 93 -18.22 -7.51 -32.11
N THR B 94 -18.26 -7.44 -30.81
CA THR B 94 -17.32 -6.70 -29.98
C THR B 94 -16.11 -7.64 -29.59
N PRO B 95 -15.03 -7.07 -29.20
CA PRO B 95 -13.80 -7.87 -28.81
C PRO B 95 -14.04 -8.79 -27.57
N VAL B 96 -13.43 -9.95 -27.59
CA VAL B 96 -13.28 -10.85 -26.49
C VAL B 96 -11.80 -11.13 -26.25
N VAL B 97 -11.53 -11.86 -25.17
CA VAL B 97 -10.19 -12.41 -24.96
C VAL B 97 -9.98 -13.61 -25.80
N ARG B 98 -9.11 -13.50 -26.84
CA ARG B 98 -8.84 -14.50 -27.74
C ARG B 98 -7.77 -15.40 -27.08
N SER B 99 -6.79 -14.84 -26.33
CA SER B 99 -5.64 -15.70 -25.79
C SER B 99 -5.19 -15.11 -24.46
N LEU B 100 -4.59 -15.90 -23.58
CA LEU B 100 -4.03 -15.48 -22.28
C LEU B 100 -2.76 -16.35 -22.19
N LYS B 101 -1.81 -15.70 -21.63
CA LYS B 101 -0.53 -16.29 -21.24
C LYS B 101 -0.05 -15.77 -19.90
N PHE B 102 0.62 -16.61 -19.13
CA PHE B 102 1.09 -16.20 -17.76
C PHE B 102 2.50 -16.64 -17.63
N LYS B 103 3.30 -15.79 -17.05
CA LYS B 103 4.66 -16.22 -16.60
C LYS B 103 4.87 -16.05 -15.05
N THR B 104 5.78 -16.80 -14.46
CA THR B 104 6.05 -16.80 -13.04
C THR B 104 7.53 -16.44 -12.69
N ASN B 105 7.78 -16.11 -11.41
CA ASN B 105 9.09 -15.76 -10.92
C ASN B 105 9.98 -17.00 -10.96
N LYS B 106 9.39 -18.17 -11.10
CA LYS B 106 10.22 -19.43 -11.31
C LYS B 106 10.59 -19.74 -12.82
N GLY B 107 10.21 -18.82 -13.74
CA GLY B 107 10.45 -18.89 -15.17
C GLY B 107 9.64 -19.96 -15.88
N ARG B 108 8.47 -20.28 -15.31
CA ARG B 108 7.40 -21.12 -15.93
C ARG B 108 6.46 -20.25 -16.71
N THR B 109 6.16 -20.76 -17.91
CA THR B 109 5.24 -20.09 -18.82
C THR B 109 4.07 -20.96 -18.99
N PHE B 110 2.85 -20.46 -18.79
CA PHE B 110 1.60 -21.26 -18.95
C PHE B 110 0.96 -20.51 -20.10
N GLY B 111 0.80 -21.23 -21.19
CA GLY B 111 0.16 -20.70 -22.43
C GLY B 111 1.23 -20.31 -23.47
N PRO B 112 0.81 -19.67 -24.55
CA PRO B 112 -0.49 -19.16 -24.79
C PRO B 112 -1.64 -20.20 -24.86
N TYR B 113 -2.82 -19.88 -24.36
CA TYR B 113 -4.09 -20.58 -24.46
C TYR B 113 -4.91 -19.74 -25.47
N GLY B 114 -5.64 -20.39 -26.38
CA GLY B 114 -6.57 -19.57 -27.30
C GLY B 114 -5.72 -19.31 -28.54
N GLU B 115 -6.03 -18.25 -29.21
CA GLU B 115 -5.36 -17.84 -30.42
C GLU B 115 -4.87 -16.41 -30.26
N GLU B 116 -3.69 -16.14 -30.77
CA GLU B 116 -3.09 -14.86 -30.70
C GLU B 116 -3.49 -13.99 -31.92
N ASP B 117 -4.77 -13.58 -31.90
CA ASP B 117 -5.37 -12.78 -32.96
C ASP B 117 -5.74 -11.45 -32.29
N GLY B 118 -5.61 -10.33 -32.97
CA GLY B 118 -6.15 -9.08 -32.53
C GLY B 118 -5.13 -8.22 -31.83
N THR B 119 -5.54 -7.53 -30.79
CA THR B 119 -4.76 -6.48 -30.18
C THR B 119 -4.02 -7.08 -28.98
N TYR B 120 -2.70 -6.85 -28.80
CA TYR B 120 -1.89 -7.41 -27.74
C TYR B 120 -2.04 -6.59 -26.48
N PHE B 121 -2.05 -7.30 -25.37
CA PHE B 121 -1.95 -6.58 -24.04
C PHE B 121 -0.89 -7.33 -23.27
N ASN B 122 -0.12 -6.63 -22.42
CA ASN B 122 0.96 -7.25 -21.69
C ASN B 122 1.14 -6.40 -20.37
N LEU B 123 0.97 -7.13 -19.27
CA LEU B 123 1.29 -6.57 -17.94
C LEU B 123 2.54 -7.33 -17.32
N PRO B 124 3.76 -6.83 -17.63
CA PRO B 124 4.91 -7.24 -16.83
C PRO B 124 4.80 -6.66 -15.48
N ILE B 125 5.11 -7.44 -14.48
CA ILE B 125 5.11 -6.94 -13.09
C ILE B 125 6.48 -6.99 -12.43
N GLU B 126 7.00 -5.85 -12.06
CA GLU B 126 8.35 -5.84 -11.49
C GLU B 126 8.35 -5.81 -10.02
N ASN B 127 7.33 -5.18 -9.40
CA ASN B 127 7.18 -5.24 -7.94
C ASN B 127 5.70 -5.27 -7.64
N GLY B 128 5.33 -6.18 -6.70
CA GLY B 128 3.98 -6.42 -6.28
C GLY B 128 3.36 -7.69 -6.83
N LEU B 129 2.15 -7.94 -6.41
CA LEU B 129 1.63 -9.27 -6.50
C LEU B 129 0.18 -9.15 -7.04
N VAL B 130 -0.14 -10.04 -8.00
CA VAL B 130 -1.56 -10.37 -8.33
C VAL B 130 -2.30 -10.90 -7.16
N VAL B 131 -3.34 -10.12 -6.67
CA VAL B 131 -4.18 -10.55 -5.59
C VAL B 131 -5.66 -10.75 -5.94
N GLY B 132 -6.00 -10.58 -7.21
CA GLY B 132 -7.39 -10.83 -7.68
C GLY B 132 -7.57 -10.51 -9.17
N PHE B 133 -8.68 -11.02 -9.70
CA PHE B 133 -9.08 -10.85 -11.05
C PHE B 133 -10.50 -10.37 -11.06
N LYS B 134 -10.77 -9.53 -12.13
CA LYS B 134 -12.06 -9.16 -12.51
C LYS B 134 -12.20 -9.29 -13.99
N GLY B 135 -13.41 -9.33 -14.46
CA GLY B 135 -13.67 -9.37 -15.89
C GLY B 135 -15.08 -9.36 -16.31
N ARG B 136 -15.30 -9.90 -17.53
CA ARG B 136 -16.67 -9.93 -18.15
C ARG B 136 -16.80 -11.32 -18.78
N THR B 137 -17.91 -11.93 -18.59
CA THR B 137 -18.18 -13.23 -19.17
C THR B 137 -19.55 -13.28 -19.71
N GLY B 138 -19.63 -13.80 -20.94
CA GLY B 138 -20.93 -14.33 -21.53
C GLY B 138 -20.83 -15.78 -21.89
N ASP B 139 -20.73 -16.20 -23.21
CA ASP B 139 -20.32 -17.56 -23.47
C ASP B 139 -18.86 -17.60 -23.58
N LEU B 140 -18.25 -16.44 -23.60
CA LEU B 140 -16.77 -16.44 -23.59
C LEU B 140 -16.24 -15.40 -22.58
N LEU B 141 -14.98 -15.34 -22.34
CA LEU B 141 -14.35 -14.23 -21.57
C LEU B 141 -14.26 -13.04 -22.40
N ASP B 142 -15.18 -12.10 -22.28
CA ASP B 142 -15.12 -10.81 -23.03
C ASP B 142 -13.95 -9.89 -22.54
N ALA B 143 -13.65 -9.83 -21.25
CA ALA B 143 -12.59 -8.94 -20.70
C ALA B 143 -12.01 -9.41 -19.44
N ILE B 144 -10.83 -8.90 -19.11
CA ILE B 144 -10.06 -9.37 -17.94
C ILE B 144 -9.30 -8.17 -17.39
N GLY B 145 -9.15 -8.16 -16.05
CA GLY B 145 -8.38 -7.07 -15.33
C GLY B 145 -7.85 -7.74 -14.07
N VAL B 146 -6.99 -7.00 -13.39
CA VAL B 146 -6.15 -7.59 -12.28
C VAL B 146 -6.05 -6.56 -11.16
N HIS B 147 -6.28 -7.02 -9.95
CA HIS B 147 -5.98 -6.31 -8.78
C HIS B 147 -4.50 -6.63 -8.35
N MET B 148 -3.88 -5.60 -7.80
CA MET B 148 -2.44 -5.72 -7.39
C MET B 148 -2.21 -5.16 -5.92
N ALA B 149 -1.35 -5.87 -5.23
CA ALA B 149 -0.94 -5.37 -3.89
C ALA B 149 0.52 -5.69 -3.63
N LEU B 150 1.06 -5.08 -2.54
CA LEU B 150 2.46 -5.45 -2.07
C LEU B 150 2.56 -6.76 -1.24
N MET C 1 -7.01 13.90 -3.38
CA MET C 1 -6.97 13.09 -4.65
C MET C 1 -5.52 12.74 -5.08
N ALA C 2 -4.52 13.32 -4.41
CA ALA C 2 -3.14 12.83 -4.55
C ALA C 2 -2.90 11.54 -3.67
N SER C 3 -1.65 11.09 -3.71
CA SER C 3 -1.30 9.78 -3.11
C SER C 3 -1.20 9.87 -1.55
N GLN C 4 -1.64 8.82 -0.85
CA GLN C 4 -1.91 8.97 0.59
C GLN C 4 -1.16 7.89 1.24
N THR C 5 -0.98 8.00 2.55
CA THR C 5 -0.25 6.95 3.32
C THR C 5 -1.19 6.67 4.53
N ILE C 6 -1.07 5.44 5.10
CA ILE C 6 -1.58 5.23 6.45
C ILE C 6 -1.04 6.22 7.44
N THR C 7 -1.93 6.69 8.37
CA THR C 7 -1.41 7.75 9.32
C THR C 7 -1.94 7.44 10.68
N VAL C 8 -1.08 7.37 11.68
CA VAL C 8 -1.49 7.03 12.98
C VAL C 8 -1.23 8.23 13.85
N GLY C 9 -1.88 8.28 15.00
CA GLY C 9 -1.73 9.42 15.87
C GLY C 9 -2.97 10.29 15.58
N PRO C 10 -2.94 11.58 15.96
CA PRO C 10 -1.77 12.16 16.81
C PRO C 10 -1.71 11.67 18.23
N TRP C 11 -0.56 11.81 18.90
CA TRP C 11 -0.51 11.71 20.35
C TRP C 11 -0.14 13.15 20.78
N GLY C 12 -0.82 13.65 21.75
CA GLY C 12 -0.44 15.05 22.30
C GLY C 12 -1.71 15.79 22.32
N GLY C 13 -1.71 17.07 22.50
CA GLY C 13 -2.93 17.87 22.61
C GLY C 13 -3.23 18.80 21.40
N PRO C 14 -4.27 19.56 21.50
CA PRO C 14 -4.85 20.55 20.57
C PRO C 14 -4.13 21.86 20.42
N GLY C 15 -3.02 22.05 21.17
CA GLY C 15 -2.36 23.32 21.27
C GLY C 15 -1.38 23.54 20.15
N GLY C 16 -0.80 24.73 20.08
CA GLY C 16 0.14 25.01 18.97
C GLY C 16 -0.53 25.00 17.58
N ASN C 17 0.26 24.93 16.48
CA ASN C 17 -0.25 25.22 15.11
C ASN C 17 0.08 23.93 14.27
N GLU C 18 -0.90 23.41 13.52
CA GLU C 18 -0.81 22.17 12.65
C GLU C 18 0.45 22.24 11.79
N TRP C 19 1.09 21.11 11.62
CA TRP C 19 2.05 20.94 10.52
C TRP C 19 1.97 19.57 10.00
N ASP C 20 2.49 19.38 8.75
CA ASP C 20 2.49 18.04 8.21
C ASP C 20 3.57 18.05 7.12
N ASP C 21 4.60 17.26 7.34
CA ASP C 21 5.71 17.18 6.36
C ASP C 21 5.36 16.41 5.08
N GLY C 22 4.40 15.50 5.19
CA GLY C 22 3.95 14.67 4.00
C GLY C 22 4.77 13.46 4.09
N SER C 23 4.76 12.68 3.02
N SER C 23 4.78 12.71 3.01
CA SER C 23 5.26 11.36 2.94
CA SER C 23 5.28 11.38 2.95
C SER C 23 6.43 11.32 1.96
C SER C 23 6.43 11.31 1.95
N TYR C 24 7.34 10.39 2.24
CA TYR C 24 8.58 10.29 1.47
C TYR C 24 8.98 8.78 1.31
N THR C 25 10.25 8.48 1.13
CA THR C 25 10.66 7.09 1.09
C THR C 25 11.40 6.57 2.30
N GLY C 26 11.77 7.33 3.28
CA GLY C 26 12.37 6.74 4.56
C GLY C 26 12.83 7.92 5.39
N ILE C 27 13.50 7.66 6.51
CA ILE C 27 14.08 8.61 7.35
C ILE C 27 15.58 8.60 7.29
N ARG C 28 16.25 9.73 7.16
CA ARG C 28 17.74 9.75 7.39
C ARG C 28 18.10 10.28 8.76
N ILE C 29 17.61 11.43 9.17
CA ILE C 29 18.08 12.16 10.39
C ILE C 29 16.91 12.80 11.00
N ILE C 30 16.81 12.74 12.33
CA ILE C 30 15.79 13.51 13.07
C ILE C 30 16.58 14.47 14.00
N GLU C 31 16.15 15.69 14.01
CA GLU C 31 16.73 16.77 14.81
C GLU C 31 15.67 17.29 15.76
N LEU C 32 15.97 17.25 17.10
CA LEU C 32 14.99 17.69 18.12
C LEU C 32 15.65 18.45 19.19
N SER C 33 14.88 19.25 19.93
CA SER C 33 15.43 19.83 21.10
C SER C 33 14.53 19.48 22.26
N TYR C 34 15.10 19.50 23.47
CA TYR C 34 14.36 19.04 24.66
C TYR C 34 14.92 19.63 25.96
N LYS C 35 14.05 19.69 26.95
CA LYS C 35 14.40 19.97 28.32
C LYS C 35 13.34 19.24 29.20
N GLU C 36 12.30 19.92 29.65
CA GLU C 36 11.20 19.34 30.38
C GLU C 36 10.19 18.80 29.42
N ALA C 37 10.21 19.25 28.19
CA ALA C 37 9.40 18.65 27.15
C ALA C 37 10.18 18.64 25.84
N ILE C 38 9.58 18.17 24.76
CA ILE C 38 10.19 18.33 23.42
C ILE C 38 9.89 19.71 22.83
N GLY C 39 10.93 20.42 22.38
CA GLY C 39 10.82 21.66 21.72
C GLY C 39 10.74 21.53 20.24
N SER C 40 11.90 21.72 19.59
CA SER C 40 11.98 21.61 18.16
C SER C 40 11.88 20.12 17.66
N PHE C 41 11.55 19.98 16.37
CA PHE C 41 11.42 18.69 15.76
C PHE C 41 11.48 18.93 14.29
N SER C 42 12.46 18.29 13.66
N SER C 42 12.45 18.30 13.66
CA SER C 42 12.60 18.46 12.24
CA SER C 42 12.45 18.36 12.23
C SER C 42 13.19 17.24 11.67
C SER C 42 13.24 17.25 11.66
N VAL C 43 13.07 17.02 10.39
CA VAL C 43 13.54 15.68 9.83
C VAL C 43 14.17 15.92 8.46
N ILE C 44 15.23 15.17 8.25
CA ILE C 44 15.80 14.99 6.91
C ILE C 44 15.32 13.58 6.51
N TYR C 45 14.55 13.59 5.43
CA TYR C 45 13.96 12.41 4.95
C TYR C 45 14.85 11.80 3.91
N ASP C 46 14.63 10.55 3.53
CA ASP C 46 15.08 10.06 2.22
C ASP C 46 14.01 10.27 1.22
N LEU C 47 14.40 10.76 0.06
CA LEU C 47 13.50 10.77 -1.12
C LEU C 47 14.28 10.12 -2.24
N ASN C 48 13.84 8.88 -2.50
CA ASN C 48 14.42 8.08 -3.54
C ASN C 48 15.91 8.06 -3.64
N GLY C 49 16.59 7.98 -2.49
CA GLY C 49 18.03 7.75 -2.47
C GLY C 49 18.82 9.01 -2.19
N GLU C 50 18.15 10.14 -2.02
CA GLU C 50 18.86 11.39 -1.72
C GLU C 50 18.14 12.07 -0.56
N PRO C 51 18.88 12.80 0.24
CA PRO C 51 18.19 13.61 1.31
C PRO C 51 17.13 14.59 0.82
N PHE C 52 16.08 14.82 1.63
CA PHE C 52 15.14 15.90 1.45
C PHE C 52 14.92 16.53 2.84
N SER C 53 15.21 17.82 2.97
CA SER C 53 14.91 18.48 4.32
C SER C 53 13.49 18.90 4.45
N GLY C 54 12.84 18.37 5.46
CA GLY C 54 11.46 18.76 5.88
C GLY C 54 11.49 20.19 6.41
N SER C 55 10.34 20.88 6.48
CA SER C 55 10.23 22.26 7.06
C SER C 55 10.64 22.12 8.57
N LYS C 56 11.37 23.16 9.00
CA LYS C 56 11.88 23.09 10.35
C LYS C 56 10.65 23.48 11.27
N HIS C 57 10.62 22.84 12.44
CA HIS C 57 9.53 23.10 13.41
C HIS C 57 10.18 23.47 14.76
N THR C 58 10.61 24.71 14.82
CA THR C 58 11.60 25.22 15.76
C THR C 58 10.89 25.79 16.92
N SER C 59 11.25 25.41 18.14
CA SER C 59 10.96 26.18 19.32
C SER C 59 12.15 27.12 19.57
N LYS C 60 11.87 28.33 19.99
CA LYS C 60 12.94 29.28 20.31
C LYS C 60 13.24 29.21 21.82
N LEU C 61 12.64 28.25 22.55
CA LEU C 61 13.09 28.00 23.90
C LEU C 61 14.54 27.49 23.88
N PRO C 62 15.39 27.98 24.82
CA PRO C 62 16.83 27.56 24.73
C PRO C 62 16.99 26.19 25.39
N TYR C 63 16.80 25.17 24.54
CA TYR C 63 16.79 23.77 24.87
C TYR C 63 18.03 23.06 24.32
N THR C 64 18.36 21.90 24.84
CA THR C 64 19.36 21.02 24.22
C THR C 64 18.96 20.39 22.88
N ASN C 65 19.89 20.44 21.94
CA ASN C 65 19.66 19.95 20.62
C ASN C 65 20.41 18.66 20.41
N VAL C 66 19.78 17.80 19.65
CA VAL C 66 20.34 16.47 19.42
C VAL C 66 20.06 16.11 17.98
N LYS C 67 20.99 15.33 17.36
CA LYS C 67 20.91 14.90 15.93
C LYS C 67 20.88 13.40 15.95
N ILE C 68 19.77 12.78 15.63
CA ILE C 68 19.62 11.30 15.55
C ILE C 68 19.93 10.90 14.07
N GLU C 69 21.02 10.20 13.84
CA GLU C 69 21.47 9.88 12.46
C GLU C 69 21.32 8.44 12.22
N LEU C 70 20.40 8.08 11.36
CA LEU C 70 20.12 6.68 11.09
C LEU C 70 21.03 6.13 9.96
N GLN C 71 21.47 4.89 10.10
CA GLN C 71 22.21 4.25 8.98
C GLN C 71 21.38 3.86 7.85
N PHE C 72 20.77 4.80 7.14
CA PHE C 72 19.80 4.55 6.02
C PHE C 72 20.51 4.00 4.79
N PRO C 73 19.91 3.10 3.95
CA PRO C 73 18.57 2.44 4.18
C PRO C 73 18.51 1.21 5.13
N GLU C 74 19.66 0.61 5.51
N GLU C 74 19.65 0.62 5.51
CA GLU C 74 19.64 -0.70 6.19
CA GLU C 74 19.62 -0.68 6.16
C GLU C 74 19.06 -0.56 7.59
C GLU C 74 19.07 -0.56 7.59
N GLU C 75 19.27 0.59 8.22
CA GLU C 75 18.70 0.94 9.55
C GLU C 75 17.50 1.83 9.45
N PHE C 76 16.44 1.46 10.16
CA PHE C 76 15.17 2.22 10.19
C PHE C 76 14.36 2.02 11.48
N LEU C 77 13.51 2.99 11.75
CA LEU C 77 12.75 2.94 13.01
C LEU C 77 11.83 1.67 13.06
N VAL C 78 11.89 0.98 14.17
CA VAL C 78 10.87 0.01 14.56
C VAL C 78 9.97 0.39 15.64
N SER C 79 10.20 1.49 16.35
CA SER C 79 9.28 1.94 17.41
C SER C 79 9.40 3.38 17.62
N VAL C 80 8.24 4.06 17.88
CA VAL C 80 8.28 5.50 18.29
C VAL C 80 7.48 5.47 19.60
N SER C 81 8.03 6.03 20.66
CA SER C 81 7.24 6.03 21.93
C SER C 81 7.47 7.32 22.66
N GLY C 82 6.74 7.54 23.73
CA GLY C 82 6.89 8.83 24.44
C GLY C 82 5.78 9.12 25.44
N TYR C 83 5.87 10.29 26.07
CA TYR C 83 4.93 10.64 27.09
C TYR C 83 4.31 11.98 26.70
N THR C 84 3.03 12.07 27.08
CA THR C 84 2.24 13.31 26.89
C THR C 84 1.66 13.77 28.23
N ALA C 85 1.70 15.07 28.48
CA ALA C 85 1.15 15.73 29.67
C ALA C 85 1.29 17.27 29.52
N PRO C 86 0.55 18.03 30.31
CA PRO C 86 0.83 19.43 30.35
C PRO C 86 2.23 19.86 30.88
N PHE C 87 2.65 21.02 30.41
CA PHE C 87 3.74 21.60 31.12
C PHE C 87 3.15 22.83 31.98
N SER C 88 2.99 22.65 33.33
CA SER C 88 2.71 23.74 34.31
C SER C 88 2.77 25.18 33.71
N SER C 89 3.94 25.59 33.24
CA SER C 89 4.04 26.86 32.47
C SER C 89 3.33 26.74 31.12
N LEU C 90 2.06 27.14 31.17
CA LEU C 90 1.29 27.69 30.06
C LEU C 90 -0.08 28.24 30.67
N ALA C 91 0.06 28.79 31.91
CA ALA C 91 -0.92 28.84 33.09
C ALA C 91 -1.84 27.59 33.31
N THR C 92 -3.09 27.65 32.78
CA THR C 92 -4.02 26.47 32.48
C THR C 92 -4.15 26.09 30.91
N ARG C 93 -3.97 24.79 30.72
CA ARG C 93 -3.11 24.29 29.71
C ARG C 93 -3.54 22.89 29.22
N THR C 94 -2.73 22.38 28.34
CA THR C 94 -3.13 21.39 27.39
C THR C 94 -1.89 20.50 27.19
N PRO C 95 -2.10 19.18 26.97
CA PRO C 95 -1.07 18.20 26.95
C PRO C 95 -0.11 18.45 25.80
N VAL C 96 1.20 18.26 26.05
CA VAL C 96 2.23 18.35 25.01
C VAL C 96 3.05 17.06 25.02
N VAL C 97 3.95 16.90 24.03
CA VAL C 97 4.87 15.82 24.04
C VAL C 97 6.07 16.06 24.99
N ARG C 98 6.01 15.44 26.16
CA ARG C 98 7.07 15.57 27.21
C ARG C 98 8.36 14.76 26.87
N SER C 99 8.17 13.64 26.18
CA SER C 99 9.29 12.76 25.95
C SER C 99 9.21 12.04 24.59
N LEU C 100 10.33 11.77 23.91
CA LEU C 100 10.31 10.83 22.78
C LEU C 100 11.51 9.84 22.95
N LYS C 101 11.27 8.60 22.46
N LYS C 101 11.28 8.60 22.48
CA LYS C 101 12.21 7.59 22.42
CA LYS C 101 12.27 7.67 22.34
C LYS C 101 11.98 6.88 21.09
C LYS C 101 11.98 6.89 21.07
N PHE C 102 13.09 6.53 20.45
CA PHE C 102 13.14 5.82 19.19
C PHE C 102 13.94 4.55 19.26
N LYS C 103 13.48 3.48 18.60
CA LYS C 103 14.32 2.22 18.53
C LYS C 103 14.44 1.92 17.09
N THR C 104 15.57 1.39 16.73
CA THR C 104 15.81 0.88 15.38
C THR C 104 15.88 -0.67 15.19
N ASN C 105 15.74 -1.13 13.94
CA ASN C 105 15.92 -2.58 13.63
C ASN C 105 17.26 -3.17 13.96
N LYS C 106 18.26 -2.28 14.21
CA LYS C 106 19.68 -2.58 14.56
C LYS C 106 19.82 -2.67 16.10
N GLY C 107 18.73 -2.37 16.86
CA GLY C 107 18.83 -2.45 18.27
C GLY C 107 19.37 -1.18 18.86
N ARG C 108 19.45 -0.13 18.03
CA ARG C 108 19.90 1.15 18.62
C ARG C 108 18.69 1.80 19.29
N THR C 109 18.92 2.55 20.38
N THR C 109 18.93 2.55 20.36
CA THR C 109 17.92 3.40 21.04
CA THR C 109 17.94 3.43 20.87
C THR C 109 18.35 4.81 21.11
C THR C 109 18.41 4.85 20.83
N PHE C 110 17.43 5.75 20.81
CA PHE C 110 17.71 7.18 20.88
C PHE C 110 16.78 7.69 21.88
N GLY C 111 17.35 8.33 22.92
CA GLY C 111 16.60 8.81 23.98
C GLY C 111 16.44 7.77 25.14
N PRO C 112 15.51 7.98 26.05
CA PRO C 112 14.44 9.02 25.97
C PRO C 112 14.92 10.49 26.10
N TYR C 113 14.35 11.37 25.28
CA TYR C 113 14.68 12.78 25.37
C TYR C 113 13.51 13.54 26.05
N GLY C 114 13.81 14.50 26.87
CA GLY C 114 12.83 15.22 27.61
C GLY C 114 12.67 14.55 28.96
N GLU C 115 11.42 14.53 29.46
CA GLU C 115 11.13 13.89 30.78
C GLU C 115 9.93 13.02 30.52
N GLU C 116 10.08 11.80 30.97
CA GLU C 116 9.09 10.75 30.91
C GLU C 116 8.03 11.02 31.93
N ASP C 117 7.22 12.06 31.67
N ASP C 117 7.19 12.00 31.63
CA ASP C 117 6.16 12.48 32.52
CA ASP C 117 6.26 12.53 32.54
C ASP C 117 4.87 12.31 31.80
C ASP C 117 4.89 12.39 31.86
N GLY C 118 3.94 11.66 32.48
CA GLY C 118 2.51 11.69 32.03
C GLY C 118 1.94 10.38 31.45
N THR C 119 1.23 10.44 30.32
CA THR C 119 0.56 9.26 29.68
C THR C 119 1.46 8.70 28.56
N TYR C 120 1.65 7.38 28.54
CA TYR C 120 2.60 6.70 27.68
C TYR C 120 1.97 6.42 26.38
N PHE C 121 2.70 6.60 25.29
CA PHE C 121 2.28 6.07 24.04
C PHE C 121 3.40 5.25 23.44
N ASN C 122 3.07 4.38 22.51
CA ASN C 122 3.97 3.41 21.96
C ASN C 122 3.42 2.88 20.66
N LEU C 123 4.23 3.06 19.61
CA LEU C 123 3.93 2.53 18.26
C LEU C 123 5.00 1.51 17.93
N PRO C 124 4.82 0.26 18.31
CA PRO C 124 5.72 -0.76 17.82
C PRO C 124 5.35 -1.11 16.41
N ILE C 125 6.29 -1.09 15.51
CA ILE C 125 6.00 -1.50 14.11
C ILE C 125 6.60 -2.88 13.80
N GLU C 126 5.74 -3.77 13.38
CA GLU C 126 6.09 -5.11 13.05
C GLU C 126 6.38 -5.30 11.62
N ASN C 127 5.68 -4.56 10.78
CA ASN C 127 5.93 -4.65 9.32
C ASN C 127 5.58 -3.27 8.78
N GLY C 128 6.48 -2.66 8.00
CA GLY C 128 6.18 -1.31 7.51
C GLY C 128 7.27 -0.30 7.90
N LEU C 129 7.15 0.90 7.34
CA LEU C 129 8.14 1.95 7.54
C LEU C 129 7.51 3.25 7.90
N VAL C 130 8.14 3.98 8.78
CA VAL C 130 7.86 5.44 8.90
C VAL C 130 8.35 6.25 7.68
N VAL C 131 7.45 6.91 7.02
CA VAL C 131 7.79 7.70 5.84
C VAL C 131 7.44 9.16 5.94
N GLY C 132 7.03 9.65 7.10
CA GLY C 132 6.76 11.09 7.23
C GLY C 132 6.14 11.33 8.61
N PHE C 133 6.28 12.54 9.15
CA PHE C 133 5.76 12.92 10.41
C PHE C 133 4.83 14.11 10.22
N LYS C 134 3.95 14.34 11.19
N LYS C 134 3.99 14.37 11.22
CA LYS C 134 3.03 15.44 11.22
CA LYS C 134 3.07 15.44 11.24
C LYS C 134 2.90 15.75 12.69
C LYS C 134 3.04 15.85 12.71
N GLY C 135 2.45 16.94 13.03
CA GLY C 135 2.34 17.32 14.45
C GLY C 135 1.83 18.72 14.60
N ARG C 136 2.04 19.30 15.78
CA ARG C 136 1.54 20.62 16.18
C ARG C 136 2.61 21.20 17.05
N THR C 137 2.98 22.39 16.70
CA THR C 137 4.04 23.04 17.46
C THR C 137 3.59 24.46 17.77
N GLY C 138 3.72 24.87 19.05
CA GLY C 138 3.62 26.25 19.57
C GLY C 138 5.01 26.67 20.01
N ASP C 139 5.18 26.96 21.30
CA ASP C 139 6.48 27.20 21.93
C ASP C 139 7.18 25.86 21.94
N LEU C 140 6.45 24.78 21.75
CA LEU C 140 7.04 23.46 21.68
C LEU C 140 6.15 22.41 21.09
N LEU C 141 6.56 21.12 21.12
CA LEU C 141 5.87 20.07 20.39
C LEU C 141 4.58 19.66 21.10
N ASP C 142 3.46 20.13 20.67
CA ASP C 142 2.23 19.80 21.26
C ASP C 142 1.68 18.46 20.93
N ALA C 143 1.90 18.02 19.72
CA ALA C 143 1.46 16.73 19.31
C ALA C 143 2.33 16.17 18.15
N ILE C 144 2.32 14.84 18.01
CA ILE C 144 3.11 14.17 16.93
C ILE C 144 2.32 13.01 16.36
N GLY C 145 2.45 12.89 15.03
CA GLY C 145 1.79 11.72 14.39
C GLY C 145 2.70 11.16 13.27
N VAL C 146 2.55 9.86 12.92
N VAL C 146 2.31 10.03 12.68
CA VAL C 146 3.38 9.26 11.81
CA VAL C 146 3.22 9.27 11.86
C VAL C 146 2.63 8.73 10.60
C VAL C 146 2.60 8.71 10.59
N HIS C 147 3.25 8.93 9.46
CA HIS C 147 2.82 8.32 8.20
C HIS C 147 3.59 7.11 7.93
N MET C 148 2.91 6.01 7.52
CA MET C 148 3.53 4.74 7.25
C MET C 148 3.27 4.17 5.88
N ALA C 149 4.26 3.49 5.34
CA ALA C 149 4.10 2.76 4.08
C ALA C 149 4.96 1.57 4.06
N LEU C 150 4.72 0.71 3.11
CA LEU C 150 5.60 -0.50 2.87
C LEU C 150 6.88 -0.37 2.09
N MET D 1 6.94 -14.14 0.90
CA MET D 1 5.68 -14.57 1.40
C MET D 1 4.65 -14.25 0.26
N ALA D 2 3.40 -14.34 0.64
CA ALA D 2 2.28 -13.78 -0.02
C ALA D 2 1.98 -12.25 0.28
N SER D 3 0.87 -11.72 -0.16
CA SER D 3 0.63 -10.31 0.05
C SER D 3 0.60 -9.96 1.58
N GLN D 4 1.19 -8.78 1.74
CA GLN D 4 1.45 -8.15 3.09
C GLN D 4 0.67 -6.91 3.40
N THR D 5 0.55 -6.66 4.74
CA THR D 5 0.03 -5.40 5.23
C THR D 5 0.91 -4.75 6.29
N ILE D 6 0.74 -3.43 6.43
CA ILE D 6 1.41 -2.71 7.60
C ILE D 6 0.86 -3.38 8.86
N THR D 7 1.75 -3.65 9.87
CA THR D 7 1.37 -4.37 11.05
C THR D 7 1.97 -3.66 12.19
N VAL D 8 1.17 -3.42 13.18
CA VAL D 8 1.67 -2.72 14.32
C VAL D 8 1.34 -3.42 15.59
N GLY D 9 2.08 -3.10 16.63
CA GLY D 9 2.03 -3.97 17.82
C GLY D 9 3.10 -5.06 17.70
N PRO D 10 3.07 -6.15 18.46
CA PRO D 10 1.99 -6.49 19.40
C PRO D 10 2.03 -5.72 20.69
N TRP D 11 0.84 -5.69 21.32
CA TRP D 11 0.81 -5.19 22.68
C TRP D 11 0.42 -6.37 23.54
N GLY D 12 1.18 -6.58 24.58
CA GLY D 12 0.98 -7.75 25.54
C GLY D 12 2.18 -8.52 25.75
N GLY D 13 2.12 -9.88 26.04
CA GLY D 13 3.34 -10.64 26.42
C GLY D 13 3.56 -11.93 25.71
N PRO D 14 4.65 -12.64 26.00
CA PRO D 14 4.97 -13.78 25.06
C PRO D 14 4.29 -15.10 25.34
N GLY D 15 3.37 -15.15 26.32
CA GLY D 15 2.62 -16.37 26.63
C GLY D 15 1.71 -16.87 25.54
N GLY D 16 1.02 -18.02 25.76
CA GLY D 16 0.01 -18.58 24.86
C GLY D 16 0.12 -18.48 23.34
N ASN D 17 -0.46 -19.40 22.60
CA ASN D 17 0.04 -19.79 21.27
C ASN D 17 -0.21 -18.68 20.28
N GLU D 18 0.77 -18.44 19.42
CA GLU D 18 0.66 -17.45 18.25
C GLU D 18 -0.51 -17.73 17.39
N TRP D 19 -1.19 -16.63 17.03
CA TRP D 19 -2.20 -16.69 15.93
C TRP D 19 -2.19 -15.42 15.17
N ASP D 20 -2.53 -15.53 13.90
CA ASP D 20 -2.64 -14.41 12.99
C ASP D 20 -3.79 -14.68 12.03
N ASP D 21 -4.83 -13.88 12.07
CA ASP D 21 -5.99 -14.03 11.21
C ASP D 21 -5.70 -13.60 9.82
N GLY D 22 -4.67 -12.91 9.66
CA GLY D 22 -4.35 -12.30 8.38
C GLY D 22 -5.10 -11.07 8.07
N SER D 23 -5.12 -10.74 6.76
N SER D 23 -5.15 -10.74 6.78
CA SER D 23 -5.72 -9.52 6.21
CA SER D 23 -5.91 -9.59 6.35
C SER D 23 -7.00 -9.76 5.32
C SER D 23 -7.08 -9.81 5.35
N TYR D 24 -7.96 -8.83 5.35
CA TYR D 24 -9.26 -8.89 4.79
C TYR D 24 -9.61 -7.49 4.16
N THR D 25 -10.92 -7.17 3.97
CA THR D 25 -11.27 -5.85 3.45
C THR D 25 -11.93 -4.96 4.47
N GLY D 26 -12.07 -5.44 5.68
CA GLY D 26 -12.52 -4.61 6.82
C GLY D 26 -13.12 -5.50 7.88
N ILE D 27 -13.74 -4.85 8.90
CA ILE D 27 -14.26 -5.56 10.06
C ILE D 27 -15.74 -5.45 10.05
N ARG D 28 -16.43 -6.51 10.42
CA ARG D 28 -17.96 -6.45 10.69
C ARG D 28 -18.33 -6.57 12.19
N ILE D 29 -17.81 -7.63 12.78
CA ILE D 29 -18.16 -7.98 14.15
C ILE D 29 -16.90 -8.44 14.92
N ILE D 30 -16.74 -8.00 16.17
CA ILE D 30 -15.75 -8.50 17.02
C ILE D 30 -16.44 -9.12 18.22
N GLU D 31 -16.02 -10.26 18.56
CA GLU D 31 -16.58 -11.02 19.66
C GLU D 31 -15.44 -11.19 20.68
N LEU D 32 -15.70 -10.86 21.92
CA LEU D 32 -14.75 -11.20 22.95
C LEU D 32 -15.43 -11.51 24.20
N SER D 33 -14.67 -11.97 25.22
CA SER D 33 -15.16 -12.28 26.52
C SER D 33 -14.12 -11.63 27.50
N TYR D 34 -14.65 -11.25 28.66
CA TYR D 34 -13.88 -10.46 29.62
C TYR D 34 -14.35 -10.68 31.01
N LYS D 35 -13.42 -10.42 31.92
CA LYS D 35 -13.72 -10.24 33.34
C LYS D 35 -12.52 -9.54 34.03
N GLU D 36 -11.54 -10.29 34.57
CA GLU D 36 -10.34 -9.58 35.03
C GLU D 36 -9.37 -9.19 33.91
N ALA D 37 -9.49 -9.89 32.81
CA ALA D 37 -8.66 -9.67 31.56
C ALA D 37 -9.51 -10.08 30.39
N ILE D 38 -8.98 -10.05 29.18
CA ILE D 38 -9.65 -10.48 27.98
C ILE D 38 -9.35 -11.97 27.93
N GLY D 39 -10.38 -12.79 27.65
CA GLY D 39 -10.25 -14.21 27.45
C GLY D 39 -10.32 -14.58 25.96
N SER D 40 -11.54 -14.81 25.51
CA SER D 40 -11.89 -14.97 24.10
C SER D 40 -11.72 -13.70 23.18
N PHE D 41 -11.35 -13.92 21.95
CA PHE D 41 -11.22 -12.86 20.87
C PHE D 41 -11.42 -13.52 19.48
N SER D 42 -12.39 -13.04 18.74
N SER D 42 -12.36 -13.02 18.72
CA SER D 42 -12.65 -13.53 17.41
CA SER D 42 -12.60 -13.54 17.42
C SER D 42 -13.32 -12.44 16.64
C SER D 42 -13.31 -12.46 16.64
N VAL D 43 -13.22 -12.53 15.30
CA VAL D 43 -13.66 -11.44 14.41
C VAL D 43 -14.39 -12.11 13.25
N ILE D 44 -15.43 -11.44 12.81
CA ILE D 44 -16.15 -11.78 11.52
C ILE D 44 -15.68 -10.57 10.67
N TYR D 45 -14.88 -10.80 9.64
CA TYR D 45 -14.30 -9.78 8.76
C TYR D 45 -15.26 -9.52 7.63
N ASP D 46 -15.14 -8.38 6.94
CA ASP D 46 -15.60 -8.38 5.55
C ASP D 46 -14.53 -8.92 4.65
N LEU D 47 -14.97 -9.67 3.69
CA LEU D 47 -14.10 -10.07 2.48
C LEU D 47 -14.88 -9.85 1.23
N ASN D 48 -14.43 -8.78 0.60
CA ASN D 48 -15.05 -8.36 -0.62
C ASN D 48 -16.54 -8.23 -0.63
N GLY D 49 -17.05 -7.65 0.46
CA GLY D 49 -18.50 -7.41 0.56
C GLY D 49 -19.35 -8.43 1.28
N GLU D 50 -18.75 -9.58 1.54
CA GLU D 50 -19.38 -10.62 2.28
C GLU D 50 -18.62 -10.97 3.61
N PRO D 51 -19.34 -11.37 4.63
CA PRO D 51 -18.71 -11.86 5.95
C PRO D 51 -17.80 -13.00 5.70
N PHE D 52 -16.69 -13.02 6.44
CA PHE D 52 -15.78 -14.18 6.53
C PHE D 52 -15.42 -14.38 7.98
N SER D 53 -15.72 -15.51 8.56
CA SER D 53 -15.39 -15.77 9.97
C SER D 53 -13.96 -16.12 10.14
N GLY D 54 -13.25 -15.30 10.85
CA GLY D 54 -11.98 -15.71 11.37
C GLY D 54 -11.98 -16.83 12.31
N SER D 55 -10.79 -17.34 12.47
CA SER D 55 -10.56 -18.40 13.43
C SER D 55 -10.89 -17.94 14.78
N LYS D 56 -11.46 -18.87 15.52
CA LYS D 56 -11.87 -18.56 16.90
C LYS D 56 -10.59 -18.66 17.80
N HIS D 57 -10.45 -17.73 18.77
CA HIS D 57 -9.33 -17.75 19.77
C HIS D 57 -10.11 -17.70 21.06
N THR D 58 -10.81 -18.78 21.39
CA THR D 58 -11.67 -18.83 22.53
C THR D 58 -10.86 -19.14 23.84
N SER D 59 -11.33 -18.57 24.98
CA SER D 59 -10.95 -18.91 26.30
C SER D 59 -12.00 -19.82 26.96
N LYS D 60 -11.57 -20.83 27.68
CA LYS D 60 -12.52 -21.73 28.43
C LYS D 60 -13.07 -21.02 29.69
N LEU D 61 -12.33 -20.04 30.14
CA LEU D 61 -12.68 -19.40 31.38
C LEU D 61 -14.09 -18.81 31.39
N PRO D 62 -14.80 -18.89 32.54
CA PRO D 62 -16.21 -18.54 32.56
C PRO D 62 -16.39 -17.02 32.52
N TYR D 63 -16.12 -16.39 31.39
CA TYR D 63 -16.10 -14.90 31.29
C TYR D 63 -17.40 -14.38 30.68
N THR D 64 -17.59 -13.07 30.66
CA THR D 64 -18.77 -12.44 30.08
C THR D 64 -18.59 -12.22 28.59
N ASN D 65 -19.51 -12.71 27.73
CA ASN D 65 -19.22 -12.57 26.25
C ASN D 65 -19.81 -11.30 25.74
N VAL D 66 -19.11 -10.60 24.86
CA VAL D 66 -19.76 -9.50 24.21
C VAL D 66 -19.63 -9.63 22.68
N LYS D 67 -20.55 -8.95 21.96
CA LYS D 67 -20.63 -8.95 20.47
C LYS D 67 -20.60 -7.49 20.15
N ILE D 68 -19.61 -7.04 19.38
CA ILE D 68 -19.46 -5.64 18.93
C ILE D 68 -19.80 -5.64 17.49
N GLU D 69 -20.99 -5.10 17.11
CA GLU D 69 -21.35 -5.08 15.70
C GLU D 69 -21.24 -3.71 15.08
N LEU D 70 -20.31 -3.56 14.16
CA LEU D 70 -20.13 -2.24 13.44
C LEU D 70 -21.05 -2.21 12.22
N GLN D 71 -21.51 -0.99 11.90
CA GLN D 71 -22.35 -0.76 10.77
C GLN D 71 -21.47 -0.63 9.62
N PHE D 72 -20.88 -1.75 9.22
CA PHE D 72 -20.08 -1.86 8.02
C PHE D 72 -20.83 -1.64 6.69
N PRO D 73 -20.25 -1.05 5.64
CA PRO D 73 -18.96 -0.42 5.62
C PRO D 73 -18.86 1.12 6.16
N GLU D 74 -19.96 1.79 6.42
CA GLU D 74 -19.97 3.20 6.78
C GLU D 74 -19.29 3.38 8.11
N GLU D 75 -19.40 2.48 9.05
CA GLU D 75 -18.74 2.67 10.34
C GLU D 75 -17.57 1.75 10.37
N PHE D 76 -16.44 2.25 10.90
CA PHE D 76 -15.30 1.49 11.13
C PHE D 76 -14.44 2.04 12.33
N LEU D 77 -13.49 1.21 12.70
CA LEU D 77 -12.66 1.50 13.85
C LEU D 77 -11.68 2.62 13.62
N VAL D 78 -11.63 3.60 14.52
CA VAL D 78 -10.60 4.63 14.51
C VAL D 78 -9.63 4.67 15.67
N SER D 79 -9.79 3.74 16.59
N SER D 79 -9.93 3.91 16.71
CA SER D 79 -8.92 3.59 17.74
CA SER D 79 -8.93 3.59 17.73
C SER D 79 -9.08 2.18 18.28
C SER D 79 -9.07 2.27 18.45
N VAL D 80 -7.92 1.67 18.67
CA VAL D 80 -7.80 0.49 19.39
C VAL D 80 -6.97 0.81 20.53
N SER D 81 -7.47 0.47 21.72
CA SER D 81 -6.67 0.74 22.95
C SER D 81 -6.94 -0.27 24.04
N GLY D 82 -6.17 -0.16 25.11
CA GLY D 82 -6.25 -1.12 26.13
C GLY D 82 -5.16 -1.07 27.17
N TYR D 83 -5.11 -2.10 27.99
CA TYR D 83 -4.15 -2.17 29.05
C TYR D 83 -3.52 -3.52 29.10
N THR D 84 -2.18 -3.57 29.32
CA THR D 84 -1.49 -4.89 29.52
C THR D 84 -0.85 -4.90 30.89
N ALA D 85 -0.86 -6.10 31.51
CA ALA D 85 -0.23 -6.34 32.79
C ALA D 85 -0.23 -7.83 33.06
N PRO D 86 0.69 -8.27 33.97
CA PRO D 86 0.52 -9.66 34.44
C PRO D 86 -0.85 -9.92 35.12
N PHE D 87 -1.29 -11.19 35.13
CA PHE D 87 -2.50 -11.56 35.85
C PHE D 87 -2.16 -12.52 37.01
N SER D 88 -2.17 -12.01 38.27
CA SER D 88 -1.94 -12.82 39.50
C SER D 88 -2.37 -14.31 39.44
N SER D 89 -3.55 -14.51 38.86
CA SER D 89 -4.26 -15.79 38.83
C SER D 89 -3.65 -16.92 37.94
N LEU D 90 -2.85 -16.55 36.95
CA LEU D 90 -1.96 -17.45 36.30
C LEU D 90 -0.72 -17.42 37.19
N ALA D 91 0.01 -18.53 37.35
CA ALA D 91 1.25 -18.51 38.19
C ALA D 91 2.36 -17.71 37.45
N THR D 92 2.49 -18.02 36.14
CA THR D 92 3.20 -17.22 35.11
C THR D 92 2.66 -15.77 35.13
N ARG D 93 3.46 -14.87 35.66
CA ARG D 93 3.03 -13.51 35.57
C ARG D 93 3.71 -12.90 34.35
N THR D 94 3.44 -13.47 33.16
CA THR D 94 3.82 -12.91 31.87
C THR D 94 2.63 -12.03 31.56
N PRO D 95 2.85 -10.85 30.97
CA PRO D 95 1.77 -9.86 30.75
C PRO D 95 0.75 -10.28 29.71
N VAL D 96 -0.57 -10.05 29.99
CA VAL D 96 -1.62 -10.45 29.08
C VAL D 96 -2.38 -9.19 28.79
N VAL D 97 -3.32 -9.25 27.89
CA VAL D 97 -4.19 -8.06 27.72
C VAL D 97 -5.35 -8.07 28.76
N ARG D 98 -5.22 -7.13 29.66
CA ARG D 98 -6.21 -6.90 30.78
C ARG D 98 -7.49 -6.14 30.33
N SER D 99 -7.39 -5.25 29.37
CA SER D 99 -8.58 -4.60 28.92
C SER D 99 -8.39 -4.11 27.43
N LEU D 100 -9.48 -3.96 26.77
CA LEU D 100 -9.57 -3.38 25.42
C LEU D 100 -10.71 -2.45 25.34
N LYS D 101 -10.51 -1.58 24.36
CA LYS D 101 -11.51 -0.46 24.07
C LYS D 101 -11.39 -0.08 22.57
N PHE D 102 -12.57 0.14 21.96
CA PHE D 102 -12.66 0.30 20.53
C PHE D 102 -13.57 1.52 20.24
N LYS D 103 -13.07 2.46 19.44
CA LYS D 103 -13.85 3.63 19.03
C LYS D 103 -14.02 3.64 17.59
N THR D 104 -15.16 4.18 17.21
CA THR D 104 -15.44 4.36 15.83
C THR D 104 -15.60 5.72 15.28
N ASN D 105 -15.70 5.77 13.94
CA ASN D 105 -15.86 6.95 13.23
C ASN D 105 -17.19 7.70 13.39
N LYS D 106 -18.16 7.01 13.95
CA LYS D 106 -19.41 7.53 14.39
C LYS D 106 -19.57 7.98 15.83
N GLY D 107 -18.50 7.82 16.60
CA GLY D 107 -18.52 8.26 17.95
C GLY D 107 -18.93 7.15 18.95
N ARG D 108 -19.04 5.95 18.42
CA ARG D 108 -19.32 4.90 19.35
C ARG D 108 -18.04 4.41 20.08
N THR D 109 -18.27 4.05 21.32
CA THR D 109 -17.15 3.48 22.12
C THR D 109 -17.63 2.08 22.62
N PHE D 110 -16.81 1.07 22.43
CA PHE D 110 -17.16 -0.24 22.89
C PHE D 110 -16.07 -0.51 23.91
N GLY D 111 -16.47 -0.65 25.16
CA GLY D 111 -15.49 -0.86 26.25
C GLY D 111 -15.37 0.36 27.10
N PRO D 112 -14.56 0.30 28.18
CA PRO D 112 -13.51 -0.70 28.24
C PRO D 112 -14.06 -2.01 28.69
N TYR D 113 -13.54 -3.09 28.16
CA TYR D 113 -13.85 -4.39 28.63
C TYR D 113 -12.61 -4.89 29.40
N GLY D 114 -12.87 -5.54 30.52
CA GLY D 114 -11.83 -6.19 31.34
C GLY D 114 -11.50 -5.19 32.35
N GLU D 115 -10.37 -5.32 33.02
CA GLU D 115 -9.89 -4.29 33.98
C GLU D 115 -8.55 -3.55 33.57
N GLU D 116 -8.56 -2.23 33.88
CA GLU D 116 -7.65 -1.29 33.27
C GLU D 116 -6.31 -1.24 34.15
N ASP D 117 -5.59 -2.34 34.21
CA ASP D 117 -4.53 -2.56 35.12
C ASP D 117 -3.27 -2.61 34.24
N GLY D 118 -2.19 -1.89 34.63
CA GLY D 118 -0.85 -1.97 34.01
C GLY D 118 -0.69 -0.86 32.99
N THR D 119 -0.04 -1.18 31.88
CA THR D 119 0.49 -0.22 30.92
C THR D 119 -0.52 0.01 29.80
N TYR D 120 -0.87 1.28 29.64
CA TYR D 120 -1.74 1.66 28.54
C TYR D 120 -1.09 1.49 27.20
N PHE D 121 -1.97 1.11 26.28
CA PHE D 121 -1.68 1.23 24.88
C PHE D 121 -2.83 1.94 24.07
N ASN D 122 -2.49 2.55 22.92
CA ASN D 122 -3.41 3.33 22.20
C ASN D 122 -3.01 3.52 20.74
N LEU D 123 -3.84 3.14 19.78
CA LEU D 123 -3.51 3.23 18.33
C LEU D 123 -4.56 4.16 17.77
N PRO D 124 -4.34 5.48 17.78
CA PRO D 124 -5.43 6.15 17.04
C PRO D 124 -5.07 6.24 15.59
N ILE D 125 -6.05 6.00 14.75
CA ILE D 125 -5.84 5.90 13.30
C ILE D 125 -6.43 7.09 12.69
N GLU D 126 -5.56 7.92 12.09
CA GLU D 126 -5.98 9.07 11.27
C GLU D 126 -6.48 8.73 9.84
N ASN D 127 -5.81 7.82 9.16
CA ASN D 127 -6.05 7.50 7.75
C ASN D 127 -5.72 6.08 7.60
N GLY D 128 -6.65 5.31 7.05
CA GLY D 128 -6.43 3.92 6.90
C GLY D 128 -7.45 3.12 7.75
N LEU D 129 -7.42 1.82 7.52
CA LEU D 129 -8.40 0.90 8.05
C LEU D 129 -7.76 -0.25 8.74
N VAL D 130 -8.29 -0.75 9.81
CA VAL D 130 -7.90 -2.02 10.35
C VAL D 130 -8.51 -3.08 9.38
N VAL D 131 -7.68 -3.98 8.94
CA VAL D 131 -8.02 -5.14 8.06
C VAL D 131 -7.77 -6.48 8.63
N GLY D 132 -7.34 -6.60 9.90
CA GLY D 132 -6.86 -7.89 10.30
C GLY D 132 -6.40 -7.80 11.71
N PHE D 133 -6.46 -8.89 12.49
CA PHE D 133 -5.92 -8.92 13.89
C PHE D 133 -4.98 -10.10 14.00
N LYS D 134 -3.95 -10.00 14.83
CA LYS D 134 -2.99 -11.04 15.14
C LYS D 134 -2.87 -11.05 16.65
N GLY D 135 -2.37 -12.12 17.23
CA GLY D 135 -2.28 -12.10 18.62
C GLY D 135 -1.61 -13.30 19.21
N ARG D 136 -1.85 -13.50 20.51
CA ARG D 136 -1.42 -14.68 21.27
CA ARG D 136 -1.42 -14.68 21.26
C ARG D 136 -2.50 -15.03 22.29
N THR D 137 -2.99 -16.30 22.34
CA THR D 137 -3.98 -16.83 23.27
C THR D 137 -3.53 -18.20 23.88
N GLY D 138 -3.46 -18.29 25.22
CA GLY D 138 -3.39 -19.50 25.95
C GLY D 138 -4.73 -19.69 26.70
N ASP D 139 -4.77 -19.40 28.02
CA ASP D 139 -5.93 -19.38 28.85
C ASP D 139 -6.71 -18.12 28.50
N LEU D 140 -5.95 -17.09 28.19
CA LEU D 140 -6.47 -15.80 27.96
C LEU D 140 -5.78 -15.07 26.78
N LEU D 141 -6.22 -13.84 26.47
CA LEU D 141 -5.55 -13.07 25.40
C LEU D 141 -4.24 -12.49 25.94
N ASP D 142 -3.16 -13.17 25.61
CA ASP D 142 -1.84 -12.71 25.92
C ASP D 142 -1.38 -11.45 25.19
N ALA D 143 -1.69 -11.34 23.93
CA ALA D 143 -1.23 -10.20 23.20
C ALA D 143 -2.07 -10.03 21.96
N ILE D 144 -1.95 -8.86 21.44
CA ILE D 144 -2.71 -8.45 20.24
C ILE D 144 -1.98 -7.45 19.39
N GLY D 145 -2.20 -7.56 18.08
CA GLY D 145 -1.63 -6.60 17.07
C GLY D 145 -2.62 -6.40 15.97
N VAL D 146 -2.42 -5.36 15.15
N VAL D 146 -2.35 -5.43 15.07
CA VAL D 146 -3.35 -5.05 14.04
CA VAL D 146 -3.28 -4.92 14.07
C VAL D 146 -2.66 -4.87 12.71
C VAL D 146 -2.66 -4.83 12.70
N HIS D 147 -3.30 -5.42 11.69
CA HIS D 147 -2.95 -5.08 10.31
C HIS D 147 -3.80 -3.98 9.78
N MET D 148 -3.17 -3.08 9.04
CA MET D 148 -3.79 -1.86 8.45
CA MET D 148 -3.84 -1.92 8.44
C MET D 148 -3.62 -1.79 6.94
N ALA D 149 -4.63 -1.26 6.26
CA ALA D 149 -4.42 -1.03 4.86
C ALA D 149 -5.25 0.16 4.47
N LEU D 150 -5.12 0.58 3.19
CA LEU D 150 -5.88 1.74 2.55
C LEU D 150 -7.16 1.42 1.77
#